data_7S6O
#
_entry.id   7S6O
#
_cell.length_a   23.804
_cell.length_b   56.577
_cell.length_c   46.201
_cell.angle_alpha   90.000
_cell.angle_beta   93.370
_cell.angle_gamma   90.000
#
_symmetry.space_group_name_H-M   'P 1 21 1'
#
loop_
_entity.id
_entity.type
_entity.pdbx_description
1 polymer Ubiquitin
2 polymer Ubiquitin
3 non-polymer 'ACETATE ION'
4 water water
#
loop_
_entity_poly.entity_id
_entity_poly.type
_entity_poly.pdbx_seq_one_letter_code
_entity_poly.pdbx_strand_id
1 'polypeptide(L)' MQIFVKTLTGKTITLEVEPSDTIENVKAKIQDKEGIPPDQQRLIFAGRQLEDGRTLSDYNIQKESTLHLVLRLRGG A
2 'polypeptide(L)' MQIFVKTLTGKTITLEVEPSDTIENVKAKIQDKEGIPPDQQRLIFAGKQLEDGRTLSDYNIQKESTLHLVLRLRGGD B
#
# COMPACT_ATOMS: atom_id res chain seq x y z
N MET A 1 19.94 7.32 6.48
CA MET A 1 20.52 6.26 7.32
C MET A 1 20.36 4.90 6.65
N GLN A 2 21.12 3.91 7.12
CA GLN A 2 20.99 2.51 6.65
C GLN A 2 20.02 1.75 7.56
N ILE A 3 19.15 0.96 6.92
CA ILE A 3 18.43 -0.12 7.61
C ILE A 3 18.66 -1.41 6.83
N PHE A 4 18.32 -2.50 7.47
CA PHE A 4 18.49 -3.85 6.90
C PHE A 4 17.11 -4.47 6.70
N VAL A 5 17.02 -5.29 5.66
CA VAL A 5 15.80 -6.08 5.36
C VAL A 5 16.24 -7.52 5.15
N LYS A 6 15.68 -8.41 5.93
CA LYS A 6 15.86 -9.86 5.74
CA LYS A 6 15.88 -9.87 5.73
C LYS A 6 14.93 -10.31 4.61
N THR A 7 15.49 -10.87 3.55
CA THR A 7 14.74 -11.15 2.31
C THR A 7 14.22 -12.60 2.36
N LEU A 8 13.63 -13.04 1.26
CA LEU A 8 12.89 -14.33 1.24
C LEU A 8 13.79 -15.53 1.52
N THR A 9 15.10 -15.38 1.32
CA THR A 9 16.10 -16.47 1.53
C THR A 9 16.82 -16.32 2.88
N GLY A 10 16.49 -15.30 3.66
CA GLY A 10 17.16 -15.01 4.94
C GLY A 10 18.45 -14.25 4.73
N LYS A 11 18.82 -13.90 3.49
CA LYS A 11 19.93 -12.94 3.22
CA LYS A 11 19.93 -12.92 3.20
C LYS A 11 19.49 -11.55 3.71
N THR A 12 20.44 -10.68 4.02
CA THR A 12 20.19 -9.31 4.51
C THR A 12 20.56 -8.35 3.38
N ILE A 13 19.65 -7.47 2.99
CA ILE A 13 19.98 -6.32 2.11
C ILE A 13 20.01 -5.04 2.95
N THR A 14 20.71 -4.05 2.43
CA THR A 14 20.88 -2.73 3.09
C THR A 14 20.19 -1.68 2.22
N LEU A 15 19.33 -0.88 2.83
CA LEU A 15 18.67 0.27 2.18
C LEU A 15 19.14 1.58 2.79
N GLU A 16 19.20 2.60 1.95
CA GLU A 16 19.30 4.00 2.40
C GLU A 16 17.89 4.56 2.51
N VAL A 17 17.56 4.99 3.71
CA VAL A 17 16.21 5.54 4.01
C VAL A 17 16.35 6.80 4.87
N GLU A 18 15.27 7.55 4.98
CA GLU A 18 15.18 8.65 5.96
C GLU A 18 14.11 8.27 6.98
N PRO A 19 14.19 8.81 8.21
CA PRO A 19 13.18 8.54 9.22
C PRO A 19 11.75 8.90 8.75
N SER A 20 11.65 9.89 7.88
CA SER A 20 10.37 10.38 7.32
C SER A 20 9.87 9.53 6.16
N ASP A 21 10.62 8.52 5.71
CA ASP A 21 10.13 7.64 4.62
C ASP A 21 8.93 6.86 5.13
N THR A 22 7.91 6.77 4.27
CA THR A 22 6.73 5.93 4.54
C THR A 22 7.06 4.49 4.24
N ILE A 23 6.27 3.61 4.82
CA ILE A 23 6.44 2.16 4.54
C ILE A 23 6.17 1.90 3.06
N GLU A 24 5.22 2.58 2.42
CA GLU A 24 4.97 2.39 0.97
C GLU A 24 6.25 2.77 0.20
N ASN A 25 6.95 3.82 0.62
CA ASN A 25 8.21 4.20 -0.05
C ASN A 25 9.24 3.08 0.13
N VAL A 26 9.34 2.55 1.34
CA VAL A 26 10.32 1.47 1.63
C VAL A 26 10.00 0.23 0.78
N LYS A 27 8.72 -0.12 0.63
CA LYS A 27 8.35 -1.26 -0.22
C LYS A 27 8.79 -1.00 -1.66
N ALA A 28 8.69 0.24 -2.15
CA ALA A 28 9.17 0.53 -3.50
C ALA A 28 10.68 0.33 -3.60
N LYS A 29 11.42 0.69 -2.56
CA LYS A 29 12.89 0.47 -2.55
CA LYS A 29 12.89 0.47 -2.53
C LYS A 29 13.17 -1.04 -2.57
N ILE A 30 12.38 -1.82 -1.85
CA ILE A 30 12.56 -3.29 -1.82
C ILE A 30 12.24 -3.85 -3.21
N GLN A 31 11.18 -3.35 -3.86
CA GLN A 31 10.86 -3.81 -5.24
C GLN A 31 12.08 -3.64 -6.15
N ASP A 32 12.76 -2.50 -6.07
CA ASP A 32 13.95 -2.23 -6.91
CA ASP A 32 13.95 -2.21 -6.90
C ASP A 32 15.01 -3.31 -6.67
N LYS A 33 15.18 -3.77 -5.43
CA LYS A 33 16.27 -4.71 -5.09
C LYS A 33 15.85 -6.18 -5.22
N GLU A 34 14.59 -6.51 -4.99
CA GLU A 34 14.14 -7.93 -4.91
C GLU A 34 13.18 -8.30 -6.04
N GLY A 35 12.61 -7.33 -6.77
CA GLY A 35 11.68 -7.60 -7.89
C GLY A 35 10.31 -8.10 -7.43
N ILE A 36 9.98 -7.89 -6.15
CA ILE A 36 8.63 -8.24 -5.63
CA ILE A 36 8.64 -8.24 -5.58
C ILE A 36 7.80 -6.97 -5.62
N PRO A 37 6.61 -6.98 -6.28
CA PRO A 37 5.76 -5.79 -6.28
C PRO A 37 5.33 -5.42 -4.86
N PRO A 38 5.18 -4.12 -4.57
CA PRO A 38 4.74 -3.71 -3.22
C PRO A 38 3.48 -4.42 -2.73
N ASP A 39 2.50 -4.67 -3.60
CA ASP A 39 1.22 -5.28 -3.17
C ASP A 39 1.41 -6.75 -2.83
N GLN A 40 2.60 -7.32 -3.02
CA GLN A 40 2.94 -8.72 -2.66
CA GLN A 40 2.88 -8.72 -2.62
C GLN A 40 3.86 -8.77 -1.45
N GLN A 41 4.21 -7.62 -0.88
CA GLN A 41 5.15 -7.53 0.26
C GLN A 41 4.40 -7.30 1.57
N ARG A 42 4.71 -8.12 2.56
CA ARG A 42 4.39 -7.84 3.99
CA ARG A 42 4.38 -7.81 3.99
C ARG A 42 5.71 -7.46 4.65
N LEU A 43 5.76 -6.30 5.31
CA LEU A 43 6.98 -5.87 6.03
CA LEU A 43 7.00 -5.92 6.05
C LEU A 43 6.71 -5.99 7.53
N ILE A 44 7.57 -6.69 8.24
CA ILE A 44 7.40 -7.03 9.68
CA ILE A 44 7.38 -6.99 9.69
C ILE A 44 8.54 -6.36 10.46
N PHE A 45 8.22 -5.73 11.59
CA PHE A 45 9.23 -5.18 12.51
C PHE A 45 8.73 -5.50 13.93
N ALA A 46 9.61 -6.00 14.77
CA ALA A 46 9.31 -6.28 16.20
C ALA A 46 8.11 -7.23 16.26
N GLY A 47 7.97 -8.13 15.28
CA GLY A 47 6.90 -9.15 15.22
C GLY A 47 5.54 -8.65 14.78
N ARG A 48 5.40 -7.42 14.28
CA ARG A 48 4.09 -6.96 13.76
C ARG A 48 4.26 -6.41 12.35
N GLN A 49 3.18 -6.50 11.61
CA GLN A 49 3.16 -5.99 10.23
C GLN A 49 2.98 -4.48 10.23
N LEU A 50 3.75 -3.83 9.36
CA LEU A 50 3.74 -2.37 9.24
C LEU A 50 2.71 -1.94 8.20
N GLU A 51 2.08 -0.79 8.49
CA GLU A 51 1.08 -0.18 7.59
C GLU A 51 1.74 0.84 6.66
N ASP A 52 1.26 0.91 5.43
CA ASP A 52 1.91 1.64 4.32
C ASP A 52 2.07 3.15 4.58
N GLY A 53 1.13 3.76 5.28
CA GLY A 53 1.07 5.23 5.43
C GLY A 53 1.94 5.76 6.55
N ARG A 54 2.37 4.92 7.46
CA ARG A 54 3.24 5.31 8.59
C ARG A 54 4.66 5.55 8.11
N THR A 55 5.39 6.39 8.82
CA THR A 55 6.83 6.56 8.60
C THR A 55 7.60 5.49 9.35
N LEU A 56 8.86 5.33 8.99
CA LEU A 56 9.76 4.47 9.76
C LEU A 56 9.78 4.97 11.20
N SER A 57 9.87 6.29 11.42
CA SER A 57 10.02 6.81 12.81
C SER A 57 8.72 6.59 13.61
N ASP A 58 7.58 6.48 12.95
CA ASP A 58 6.31 6.19 13.64
C ASP A 58 6.36 4.82 14.31
N TYR A 59 7.24 3.92 13.85
CA TYR A 59 7.45 2.58 14.42
C TYR A 59 8.74 2.50 15.25
N ASN A 60 9.38 3.66 15.46
CA ASN A 60 10.66 3.79 16.18
C ASN A 60 11.71 2.90 15.52
N ILE A 61 11.64 2.76 14.20
CA ILE A 61 12.72 2.12 13.41
C ILE A 61 13.90 3.09 13.35
N GLN A 62 15.09 2.60 13.69
CA GLN A 62 16.33 3.36 13.93
CA GLN A 62 16.30 3.45 13.85
C GLN A 62 17.38 2.98 12.88
N LYS A 63 18.47 3.71 12.86
CA LYS A 63 19.68 3.29 12.12
C LYS A 63 19.98 1.84 12.49
N GLU A 64 20.19 1.01 11.47
CA GLU A 64 20.67 -0.39 11.57
C GLU A 64 19.61 -1.28 12.23
N SER A 65 18.35 -0.83 12.24
CA SER A 65 17.20 -1.72 12.53
C SER A 65 17.07 -2.73 11.40
N THR A 66 16.50 -3.89 11.70
CA THR A 66 16.24 -4.97 10.71
C THR A 66 14.74 -5.16 10.55
N LEU A 67 14.26 -5.05 9.33
CA LEU A 67 12.86 -5.41 8.97
C LEU A 67 12.88 -6.80 8.33
N HIS A 68 11.74 -7.46 8.34
CA HIS A 68 11.59 -8.78 7.69
C HIS A 68 10.61 -8.66 6.53
N LEU A 69 11.02 -9.14 5.37
CA LEU A 69 10.12 -9.22 4.19
C LEU A 69 9.50 -10.61 4.12
N VAL A 70 8.18 -10.63 3.91
CA VAL A 70 7.39 -11.88 3.76
C VAL A 70 6.56 -11.70 2.49
N LEU A 71 6.48 -12.75 1.69
CA LEU A 71 5.69 -12.75 0.44
C LEU A 71 4.23 -13.03 0.79
N ARG A 72 3.33 -12.20 0.29
CA ARG A 72 1.88 -12.54 0.32
C ARG A 72 1.63 -13.82 -0.51
N LEU A 73 0.96 -14.81 0.04
CA LEU A 73 0.69 -16.08 -0.67
C LEU A 73 -0.74 -16.12 -1.23
N MET B 1 -20.69 -2.73 -13.41
CA MET B 1 -21.03 -3.30 -12.09
C MET B 1 -20.87 -2.26 -10.98
N GLN B 2 -21.48 -2.54 -9.84
CA GLN B 2 -21.51 -1.63 -8.68
C GLN B 2 -20.45 -2.11 -7.70
N ILE B 3 -19.58 -1.19 -7.25
CA ILE B 3 -18.76 -1.42 -6.05
C ILE B 3 -19.01 -0.29 -5.08
N PHE B 4 -18.58 -0.50 -3.85
CA PHE B 4 -18.73 0.49 -2.77
C PHE B 4 -17.35 1.02 -2.40
N VAL B 5 -17.34 2.26 -1.94
CA VAL B 5 -16.12 2.86 -1.34
C VAL B 5 -16.49 3.47 0.00
N LYS B 6 -15.77 3.09 1.04
CA LYS B 6 -15.89 3.76 2.36
CA LYS B 6 -15.88 3.74 2.37
C LYS B 6 -15.02 5.00 2.31
N THR B 7 -15.64 6.16 2.49
CA THR B 7 -14.99 7.48 2.34
C THR B 7 -14.32 7.89 3.65
N LEU B 8 -13.74 9.09 3.68
CA LEU B 8 -12.92 9.51 4.85
C LEU B 8 -13.74 9.58 6.15
N THR B 9 -15.06 9.69 6.07
CA THR B 9 -15.92 9.75 7.28
C THR B 9 -16.51 8.38 7.62
N GLY B 10 -16.23 7.37 6.81
CA GLY B 10 -16.85 6.04 6.97
C GLY B 10 -18.20 5.93 6.27
N LYS B 11 -18.69 6.99 5.63
CA LYS B 11 -19.88 6.94 4.73
C LYS B 11 -19.54 6.01 3.55
N THR B 12 -20.51 5.31 2.98
CA THR B 12 -20.26 4.51 1.77
C THR B 12 -20.89 5.23 0.58
N ILE B 13 -20.14 5.26 -0.51
CA ILE B 13 -20.62 5.66 -1.84
C ILE B 13 -20.59 4.46 -2.77
N THR B 14 -21.31 4.57 -3.86
CA THR B 14 -21.32 3.57 -4.95
CA THR B 14 -21.30 3.56 -4.95
C THR B 14 -20.52 4.12 -6.12
N LEU B 15 -19.76 3.26 -6.79
CA LEU B 15 -19.14 3.58 -8.10
C LEU B 15 -19.69 2.59 -9.13
N GLU B 16 -19.85 3.07 -10.35
CA GLU B 16 -20.11 2.22 -11.53
C GLU B 16 -18.76 1.96 -12.19
N VAL B 17 -18.37 0.70 -12.24
CA VAL B 17 -17.03 0.28 -12.74
C VAL B 17 -17.19 -0.95 -13.64
N GLU B 18 -16.13 -1.28 -14.35
CA GLU B 18 -16.01 -2.58 -15.04
C GLU B 18 -14.81 -3.31 -14.44
N PRO B 19 -14.79 -4.66 -14.49
CA PRO B 19 -13.63 -5.41 -14.00
C PRO B 19 -12.30 -5.03 -14.66
N SER B 20 -12.38 -4.50 -15.87
CA SER B 20 -11.20 -4.06 -16.66
C SER B 20 -10.72 -2.68 -16.23
N ASP B 21 -11.46 -1.97 -15.36
CA ASP B 21 -11.00 -0.63 -14.92
C ASP B 21 -9.71 -0.77 -14.10
N THR B 22 -8.74 0.07 -14.42
CA THR B 22 -7.50 0.18 -13.62
C THR B 22 -7.83 0.85 -12.28
N ILE B 23 -6.94 0.66 -11.32
CA ILE B 23 -7.07 1.37 -10.03
C ILE B 23 -6.87 2.87 -10.27
N GLU B 24 -6.00 3.29 -11.18
CA GLU B 24 -5.88 4.74 -11.48
C GLU B 24 -7.23 5.27 -11.96
N ASN B 25 -7.93 4.54 -12.82
CA ASN B 25 -9.27 4.97 -13.28
C ASN B 25 -10.23 5.07 -12.09
N VAL B 26 -10.23 4.07 -11.23
CA VAL B 26 -11.10 4.07 -10.03
C VAL B 26 -10.78 5.30 -9.14
N LYS B 27 -9.51 5.65 -8.94
CA LYS B 27 -9.17 6.84 -8.16
C LYS B 27 -9.73 8.09 -8.83
N ALA B 28 -9.70 8.17 -10.16
CA ALA B 28 -10.29 9.33 -10.84
C ALA B 28 -11.82 9.39 -10.60
N LYS B 29 -12.48 8.24 -10.57
CA LYS B 29 -13.94 8.20 -10.30
C LYS B 29 -14.19 8.67 -8.86
N ILE B 30 -13.32 8.29 -7.92
CA ILE B 30 -13.41 8.74 -6.51
C ILE B 30 -13.18 10.25 -6.46
N GLN B 31 -12.22 10.77 -7.21
CA GLN B 31 -12.01 12.25 -7.26
C GLN B 31 -13.30 12.95 -7.67
N ASP B 32 -14.02 12.42 -8.65
CA ASP B 32 -15.26 13.07 -9.14
CA ASP B 32 -15.27 13.05 -9.16
C ASP B 32 -16.28 13.17 -8.01
N LYS B 33 -16.33 12.17 -7.14
CA LYS B 33 -17.34 12.11 -6.05
C LYS B 33 -16.88 12.82 -4.77
N GLU B 34 -15.59 12.74 -4.43
CA GLU B 34 -15.07 13.17 -3.09
C GLU B 34 -14.16 14.39 -3.17
N GLY B 35 -13.66 14.75 -4.35
CA GLY B 35 -12.80 15.93 -4.52
C GLY B 35 -11.38 15.74 -3.98
N ILE B 36 -10.95 14.51 -3.77
CA ILE B 36 -9.56 14.20 -3.33
CA ILE B 36 -9.58 14.15 -3.33
C ILE B 36 -8.79 13.82 -4.59
N PRO B 37 -7.67 14.53 -4.89
CA PRO B 37 -6.88 14.16 -6.07
C PRO B 37 -6.35 12.74 -5.98
N PRO B 38 -6.22 12.04 -7.13
CA PRO B 38 -5.72 10.67 -7.10
C PRO B 38 -4.39 10.49 -6.35
N ASP B 39 -3.48 11.46 -6.47
CA ASP B 39 -2.16 11.34 -5.84
C ASP B 39 -2.24 11.48 -4.33
N GLN B 40 -3.41 11.80 -3.78
CA GLN B 40 -3.61 11.90 -2.31
CA GLN B 40 -3.66 11.93 -2.33
C GLN B 40 -4.48 10.74 -1.81
N GLN B 41 -4.78 9.78 -2.68
CA GLN B 41 -5.64 8.63 -2.29
C GLN B 41 -4.79 7.38 -2.11
N ARG B 42 -5.01 6.68 -1.00
CA ARG B 42 -4.62 5.26 -0.84
CA ARG B 42 -4.62 5.26 -0.85
C ARG B 42 -5.92 4.46 -0.90
N LEU B 43 -5.98 3.46 -1.79
CA LEU B 43 -7.16 2.59 -1.89
CA LEU B 43 -7.17 2.59 -1.83
C LEU B 43 -6.80 1.22 -1.30
N ILE B 44 -7.59 0.74 -0.35
CA ILE B 44 -7.32 -0.50 0.43
CA ILE B 44 -7.30 -0.52 0.39
C ILE B 44 -8.44 -1.50 0.14
N PHE B 45 -8.07 -2.75 -0.10
CA PHE B 45 -9.03 -3.87 -0.21
C PHE B 45 -8.40 -5.09 0.45
N ALA B 46 -9.15 -5.82 1.26
CA ALA B 46 -8.70 -7.04 1.95
C ALA B 46 -7.44 -6.70 2.75
N GLY B 47 -7.37 -5.51 3.33
CA GLY B 47 -6.28 -5.11 4.23
C GLY B 47 -5.00 -4.73 3.52
N LYS B 48 -4.98 -4.63 2.18
CA LYS B 48 -3.73 -4.23 1.50
C LYS B 48 -4.01 -3.09 0.52
N GLN B 49 -2.98 -2.31 0.27
CA GLN B 49 -3.05 -1.17 -0.66
C GLN B 49 -2.99 -1.68 -2.10
N LEU B 50 -3.87 -1.15 -2.95
CA LEU B 50 -3.94 -1.46 -4.38
C LEU B 50 -3.00 -0.57 -5.19
N GLU B 51 -2.39 -1.19 -6.19
CA GLU B 51 -1.48 -0.49 -7.15
C GLU B 51 -2.24 0.02 -8.38
N ASP B 52 -1.86 1.19 -8.85
CA ASP B 52 -2.59 1.96 -9.88
C ASP B 52 -2.70 1.22 -11.21
N GLY B 53 -1.69 0.45 -11.56
CA GLY B 53 -1.64 -0.14 -12.90
C GLY B 53 -2.39 -1.46 -13.01
N ARG B 54 -2.87 -2.01 -11.91
CA ARG B 54 -3.65 -3.26 -11.91
C ARG B 54 -5.11 -2.94 -12.17
N THR B 55 -5.86 -3.89 -12.67
CA THR B 55 -7.33 -3.78 -12.80
C THR B 55 -8.00 -4.26 -11.52
N LEU B 56 -9.27 -3.89 -11.40
CA LEU B 56 -10.11 -4.47 -10.34
C LEU B 56 -10.07 -6.01 -10.44
N SER B 57 -10.10 -6.55 -11.67
CA SER B 57 -10.08 -8.01 -11.95
C SER B 57 -8.83 -8.64 -11.37
N ASP B 58 -7.73 -7.92 -11.40
CA ASP B 58 -6.43 -8.46 -10.93
C ASP B 58 -6.47 -8.74 -9.42
N TYR B 59 -7.33 -8.05 -8.68
CA TYR B 59 -7.47 -8.21 -7.21
C TYR B 59 -8.68 -9.07 -6.87
N ASN B 60 -9.34 -9.62 -7.89
CA ASN B 60 -10.56 -10.44 -7.74
C ASN B 60 -11.61 -9.62 -7.01
N ILE B 61 -11.67 -8.32 -7.30
CA ILE B 61 -12.72 -7.40 -6.78
C ILE B 61 -13.99 -7.65 -7.60
N GLN B 62 -15.10 -7.92 -6.93
CA GLN B 62 -16.35 -8.31 -7.63
C GLN B 62 -17.46 -7.31 -7.35
N LYS B 63 -18.59 -7.51 -7.96
CA LYS B 63 -19.79 -6.71 -7.67
C LYS B 63 -19.99 -6.68 -6.15
N GLU B 64 -20.28 -5.49 -5.63
CA GLU B 64 -20.66 -5.23 -4.22
C GLU B 64 -19.46 -5.35 -3.30
N SER B 65 -18.24 -5.51 -3.84
CA SER B 65 -17.02 -5.37 -3.01
C SER B 65 -16.96 -3.94 -2.44
N THR B 66 -16.37 -3.80 -1.27
CA THR B 66 -16.17 -2.50 -0.61
C THR B 66 -14.67 -2.20 -0.52
N LEU B 67 -14.26 -1.08 -1.12
CA LEU B 67 -12.86 -0.59 -1.02
C LEU B 67 -12.86 0.46 0.09
N HIS B 68 -11.69 0.74 0.64
CA HIS B 68 -11.50 1.77 1.69
C HIS B 68 -10.61 2.87 1.14
N LEU B 69 -11.10 4.10 1.21
CA LEU B 69 -10.31 5.30 0.86
C LEU B 69 -9.62 5.83 2.10
N VAL B 70 -8.31 6.05 1.98
CA VAL B 70 -7.49 6.68 3.04
C VAL B 70 -6.75 7.86 2.41
N LEU B 71 -6.66 8.94 3.16
CA LEU B 71 -5.95 10.14 2.71
C LEU B 71 -4.46 9.90 2.92
N ARG B 72 -3.67 10.14 1.88
CA ARG B 72 -2.20 10.21 2.03
C ARG B 72 -1.85 11.31 3.02
N LEU B 73 -1.31 10.86 4.13
CA LEU B 73 -0.65 11.62 5.20
C LEU B 73 0.50 10.72 5.64
N ARG B 74 1.70 11.27 5.83
CA ARG B 74 2.75 10.57 6.62
C ARG B 74 2.21 10.34 8.03
N GLY B 75 2.29 9.12 8.53
CA GLY B 75 1.69 8.75 9.82
C GLY B 75 0.30 8.17 9.64
#